data_4BCX
#
_entry.id   4BCX
#
_cell.length_a   35.240
_cell.length_b   37.660
_cell.length_c   106.220
_cell.angle_alpha   90.00
_cell.angle_beta   90.00
_cell.angle_gamma   90.00
#
_symmetry.space_group_name_H-M   'P 21 21 21'
#
loop_
_entity.id
_entity.type
_entity.pdbx_description
1 polymer 'AP-1 COMPLEX SUBUNIT GAMMA-LIKE 2'
2 non-polymer IMIDAZOLE
3 non-polymer 1,3-PROPANDIOL
4 water water
#
_entity_poly.entity_id   1
_entity_poly.type   'polypeptide(L)'
_entity_poly.pdbx_seq_one_letter_code
;GGSAPIPDLKVFEREGVQLNLSFIRPPENPALLLITITATNFSEGDVTHFICQAAVPKSLQLQLQAPSGNTVPARGGLPI
TQLFRILNPNKAPLRLKLRLTYDHFHQSVQEIFEVNNLPVESWQ
;
_entity_poly.pdbx_strand_id   A
#
# COMPACT_ATOMS: atom_id res chain seq x y z
N PRO A 5 10.75 -10.31 12.12
CA PRO A 5 10.46 -9.15 11.27
C PRO A 5 10.18 -9.53 9.82
N ILE A 6 9.14 -8.94 9.25
CA ILE A 6 8.71 -9.27 7.89
C ILE A 6 9.27 -8.24 6.90
N PRO A 7 9.90 -8.72 5.82
CA PRO A 7 10.53 -7.79 4.88
C PRO A 7 9.53 -7.04 4.00
N ASP A 8 9.92 -5.87 3.53
CA ASP A 8 9.09 -5.07 2.63
C ASP A 8 8.85 -5.80 1.31
N LEU A 9 7.87 -5.32 0.56
CA LEU A 9 7.55 -5.89 -0.73
C LEU A 9 7.20 -4.79 -1.73
N LYS A 10 8.03 -4.63 -2.76
CA LYS A 10 7.73 -3.71 -3.85
C LYS A 10 6.62 -4.33 -4.70
N VAL A 11 5.55 -3.56 -4.91
CA VAL A 11 4.36 -4.10 -5.57
C VAL A 11 4.00 -3.40 -6.87
N PHE A 12 4.73 -2.34 -7.22
CA PHE A 12 4.36 -1.53 -8.38
C PHE A 12 5.42 -0.48 -8.73
N GLU A 13 5.76 -0.40 -10.00
CA GLU A 13 6.60 0.68 -10.51
C GLU A 13 6.09 1.13 -11.87
N ARG A 14 6.00 2.44 -12.07
CA ARG A 14 5.66 2.99 -13.39
C ARG A 14 6.30 4.35 -13.57
N GLU A 15 7.26 4.42 -14.50
CA GLU A 15 7.90 5.66 -14.87
C GLU A 15 8.43 6.45 -13.66
N GLY A 16 9.10 5.74 -12.75
CA GLY A 16 9.75 6.39 -11.62
C GLY A 16 8.93 6.41 -10.36
N VAL A 17 7.63 6.12 -10.47
CA VAL A 17 6.76 6.08 -9.31
C VAL A 17 6.66 4.65 -8.80
N GLN A 18 6.93 4.45 -7.50
CA GLN A 18 6.90 3.12 -6.92
C GLN A 18 5.97 3.03 -5.73
N LEU A 19 5.42 1.84 -5.51
CA LEU A 19 4.64 1.57 -4.30
C LEU A 19 5.27 0.41 -3.54
N ASN A 20 5.35 0.55 -2.23
CA ASN A 20 6.02 -0.44 -1.39
C ASN A 20 5.20 -0.76 -0.14
N LEU A 21 5.11 -2.05 0.18
CA LEU A 21 4.39 -2.48 1.38
C LEU A 21 5.35 -2.80 2.51
N SER A 22 5.00 -2.35 3.71
CA SER A 22 5.70 -2.76 4.92
C SER A 22 4.71 -3.49 5.81
N PHE A 23 5.18 -4.47 6.57
CA PHE A 23 4.30 -5.27 7.42
C PHE A 23 4.77 -5.30 8.87
N ILE A 24 3.81 -5.20 9.78
CA ILE A 24 4.08 -5.43 11.20
C ILE A 24 2.98 -6.28 11.81
N ARG A 25 3.39 -7.34 12.51
CA ARG A 25 2.47 -8.18 13.27
C ARG A 25 2.80 -8.03 14.75
N PRO A 26 2.16 -7.07 15.42
CA PRO A 26 2.49 -6.84 16.83
C PRO A 26 2.20 -8.08 17.67
N PRO A 27 3.21 -8.55 18.43
CA PRO A 27 3.01 -9.78 19.20
C PRO A 27 1.85 -9.68 20.20
N GLU A 28 1.64 -8.49 20.77
CA GLU A 28 0.64 -8.30 21.81
C GLU A 28 -0.80 -8.35 21.27
N ASN A 29 -0.94 -8.42 19.95
CA ASN A 29 -2.24 -8.56 19.32
C ASN A 29 -2.14 -9.41 18.06
N PRO A 30 -2.04 -10.73 18.23
CA PRO A 30 -1.85 -11.65 17.10
C PRO A 30 -2.84 -11.46 15.96
N ALA A 31 -4.05 -11.02 16.26
CA ALA A 31 -5.08 -10.83 15.25
C ALA A 31 -4.78 -9.68 14.30
N LEU A 32 -3.88 -8.79 14.69
CA LEU A 32 -3.70 -7.52 14.00
C LEU A 32 -2.51 -7.52 13.03
N LEU A 33 -2.72 -6.94 11.85
CA LEU A 33 -1.66 -6.71 10.88
C LEU A 33 -1.69 -5.25 10.43
N LEU A 34 -0.54 -4.59 10.56
CA LEU A 34 -0.42 -3.21 10.11
C LEU A 34 0.36 -3.13 8.81
N ILE A 35 -0.32 -2.78 7.72
CA ILE A 35 0.35 -2.56 6.45
C ILE A 35 0.49 -1.07 6.18
N THR A 36 1.71 -0.65 5.92
CA THR A 36 1.98 0.73 5.55
C THR A 36 2.40 0.77 4.08
N ILE A 37 1.67 1.53 3.27
CA ILE A 37 2.04 1.69 1.87
C ILE A 37 2.84 2.98 1.72
N THR A 38 3.94 2.90 0.97
CA THR A 38 4.82 4.04 0.78
C THR A 38 4.98 4.32 -0.70
N ALA A 39 4.61 5.54 -1.10
CA ALA A 39 4.72 5.95 -2.51
C ALA A 39 5.90 6.89 -2.69
N THR A 40 6.80 6.53 -3.60
CA THR A 40 7.97 7.36 -3.90
C THR A 40 7.99 7.72 -5.38
N ASN A 41 8.69 8.80 -5.70
CA ASN A 41 8.74 9.29 -7.07
C ASN A 41 10.15 9.76 -7.44
N PHE A 42 10.79 9.03 -8.34
CA PHE A 42 12.16 9.33 -8.75
C PHE A 42 12.19 9.87 -10.17
N SER A 43 11.03 10.24 -10.69
CA SER A 43 10.95 10.78 -12.04
C SER A 43 11.19 12.27 -12.05
N GLU A 44 11.11 12.87 -13.24
CA GLU A 44 11.32 14.30 -13.40
C GLU A 44 10.01 15.08 -13.25
N GLY A 45 8.93 14.39 -12.91
CA GLY A 45 7.64 15.04 -12.78
C GLY A 45 6.92 14.67 -11.49
N ASP A 46 6.30 15.67 -10.86
CA ASP A 46 5.54 15.46 -9.64
C ASP A 46 4.37 14.50 -9.87
N VAL A 47 4.03 13.77 -8.81
CA VAL A 47 2.81 12.99 -8.77
C VAL A 47 1.79 13.75 -7.92
N THR A 48 0.60 13.98 -8.46
CA THR A 48 -0.45 14.67 -7.72
C THR A 48 -1.74 13.86 -7.71
N HIS A 49 -2.65 14.23 -6.80
CA HIS A 49 -3.95 13.57 -6.69
C HIS A 49 -3.81 12.06 -6.48
N PHE A 50 -2.77 11.66 -5.76
CA PHE A 50 -2.54 10.24 -5.52
C PHE A 50 -3.55 9.67 -4.53
N ILE A 51 -4.30 8.67 -4.99
CA ILE A 51 -5.24 7.96 -4.13
C ILE A 51 -5.01 6.46 -4.26
N CYS A 52 -5.00 5.79 -3.11
CA CYS A 52 -4.86 4.34 -3.10
C CYS A 52 -6.03 3.70 -2.35
N GLN A 53 -6.83 2.93 -3.07
CA GLN A 53 -7.94 2.19 -2.49
C GLN A 53 -7.55 0.72 -2.42
N ALA A 54 -8.08 0.01 -1.43
CA ALA A 54 -7.70 -1.38 -1.22
C ALA A 54 -8.91 -2.26 -0.93
N ALA A 55 -8.81 -3.52 -1.34
CA ALA A 55 -9.84 -4.51 -1.05
C ALA A 55 -9.20 -5.78 -0.50
N VAL A 56 -9.91 -6.45 0.39
CA VAL A 56 -9.44 -7.69 0.99
C VAL A 56 -10.61 -8.68 1.06
N PRO A 57 -10.29 -9.97 1.27
CA PRO A 57 -11.36 -10.97 1.38
C PRO A 57 -12.36 -10.63 2.47
N LYS A 58 -13.63 -11.00 2.30
CA LYS A 58 -14.66 -10.69 3.28
C LYS A 58 -14.41 -11.44 4.59
N SER A 59 -13.59 -12.49 4.52
CA SER A 59 -13.24 -13.28 5.70
C SER A 59 -12.48 -12.49 6.77
N LEU A 60 -11.96 -11.33 6.39
CA LEU A 60 -11.26 -10.47 7.34
C LEU A 60 -11.69 -9.02 7.17
N GLN A 61 -11.23 -8.15 8.05
CA GLN A 61 -11.74 -6.78 8.13
C GLN A 61 -10.62 -5.75 7.97
N LEU A 62 -10.93 -4.65 7.28
CA LEU A 62 -9.94 -3.62 6.97
C LEU A 62 -10.46 -2.22 7.28
N GLN A 63 -9.59 -1.38 7.83
CA GLN A 63 -9.92 0.02 8.04
C GLN A 63 -8.71 0.87 7.64
N LEU A 64 -8.95 1.85 6.78
CA LEU A 64 -7.88 2.72 6.31
C LEU A 64 -7.73 3.95 7.17
N GLN A 65 -6.50 4.41 7.28
CA GLN A 65 -6.21 5.72 7.84
C GLN A 65 -6.00 6.69 6.69
N ALA A 66 -6.31 7.96 6.91
CA ALA A 66 -6.05 8.98 5.90
C ALA A 66 -4.57 8.94 5.54
N PRO A 67 -4.25 9.15 4.27
CA PRO A 67 -2.84 9.17 3.87
C PRO A 67 -2.14 10.43 4.37
N SER A 68 -0.83 10.47 4.29
CA SER A 68 -0.08 11.65 4.74
C SER A 68 -0.30 12.83 3.80
N GLY A 69 -0.66 12.53 2.56
CA GLY A 69 -0.93 13.55 1.57
C GLY A 69 -1.34 12.91 0.26
N ASN A 70 -1.41 13.73 -0.80
CA ASN A 70 -1.79 13.23 -2.12
C ASN A 70 -0.79 13.64 -3.18
N THR A 71 0.38 14.12 -2.76
CA THR A 71 1.41 14.57 -3.68
C THR A 71 2.77 13.95 -3.36
N VAL A 72 3.43 13.40 -4.38
CA VAL A 72 4.80 12.91 -4.24
C VAL A 72 5.71 13.70 -5.18
N PRO A 73 6.50 14.62 -4.64
CA PRO A 73 7.34 15.48 -5.48
C PRO A 73 8.41 14.72 -6.27
N ALA A 74 8.80 15.27 -7.40
CA ALA A 74 9.78 14.66 -8.29
C ALA A 74 11.13 14.46 -7.61
N ARG A 75 11.97 13.63 -8.23
CA ARG A 75 13.37 13.50 -7.87
C ARG A 75 13.60 13.15 -6.40
N GLY A 76 12.97 12.07 -5.94
CA GLY A 76 13.20 11.56 -4.61
C GLY A 76 12.61 12.46 -3.53
N GLY A 77 11.46 13.04 -3.82
CA GLY A 77 10.78 13.89 -2.87
C GLY A 77 10.12 13.05 -1.79
N LEU A 78 9.61 13.73 -0.78
CA LEU A 78 9.06 13.07 0.40
C LEU A 78 7.92 12.14 0.00
N PRO A 79 7.91 10.92 0.55
CA PRO A 79 6.93 9.90 0.16
C PRO A 79 5.55 10.15 0.75
N ILE A 80 4.55 9.49 0.17
CA ILE A 80 3.24 9.41 0.78
C ILE A 80 3.19 8.11 1.55
N THR A 81 2.72 8.16 2.79
CA THR A 81 2.52 6.96 3.58
C THR A 81 1.05 6.85 3.94
N GLN A 82 0.54 5.63 3.92
CA GLN A 82 -0.82 5.38 4.35
C GLN A 82 -0.89 4.05 5.09
N LEU A 83 -1.56 4.06 6.23
CA LEU A 83 -1.66 2.88 7.09
C LEU A 83 -2.96 2.13 6.82
N PHE A 84 -2.87 0.81 6.78
CA PHE A 84 -4.06 -0.03 6.68
C PHE A 84 -4.11 -0.98 7.87
N ARG A 85 -5.14 -0.83 8.69
CA ARG A 85 -5.35 -1.69 9.86
CA ARG A 85 -5.31 -1.71 9.85
C ARG A 85 -6.11 -2.94 9.48
N ILE A 86 -5.51 -4.11 9.68
CA ILE A 86 -6.14 -5.36 9.30
C ILE A 86 -6.32 -6.30 10.48
N LEU A 87 -7.57 -6.75 10.66
CA LEU A 87 -7.91 -7.71 11.69
C LEU A 87 -8.27 -9.04 11.06
N ASN A 88 -7.50 -10.06 11.40
CA ASN A 88 -7.64 -11.37 10.79
C ASN A 88 -7.49 -12.45 11.86
N PRO A 89 -8.42 -12.45 12.83
CA PRO A 89 -8.37 -13.38 13.97
C PRO A 89 -8.47 -14.84 13.54
N ASN A 90 -9.21 -15.11 12.47
CA ASN A 90 -9.39 -16.46 11.98
C ASN A 90 -8.21 -16.92 11.12
N LYS A 91 -7.26 -16.01 10.88
CA LYS A 91 -6.04 -16.34 10.16
C LYS A 91 -6.31 -16.86 8.76
N ALA A 92 -7.26 -16.24 8.07
CA ALA A 92 -7.54 -16.55 6.67
C ALA A 92 -6.41 -16.00 5.80
N PRO A 93 -6.15 -16.66 4.66
CA PRO A 93 -5.09 -16.17 3.78
C PRO A 93 -5.37 -14.75 3.30
N LEU A 94 -4.38 -13.87 3.45
CA LEU A 94 -4.55 -12.47 3.04
C LEU A 94 -4.44 -12.36 1.53
N ARG A 95 -5.38 -11.63 0.94
CA ARG A 95 -5.29 -11.24 -0.45
C ARG A 95 -5.51 -9.74 -0.50
N LEU A 96 -4.86 -9.07 -1.45
CA LEU A 96 -4.85 -7.63 -1.48
C LEU A 96 -4.93 -7.11 -2.89
N LYS A 97 -5.99 -6.38 -3.20
CA LYS A 97 -6.14 -5.77 -4.52
C LYS A 97 -6.15 -4.26 -4.35
N LEU A 98 -5.33 -3.58 -5.13
CA LEU A 98 -5.19 -2.13 -5.02
C LEU A 98 -5.65 -1.44 -6.28
N ARG A 99 -6.26 -0.28 -6.12
CA ARG A 99 -6.56 0.60 -7.23
C ARG A 99 -5.82 1.91 -6.99
N LEU A 100 -4.92 2.26 -7.91
CA LEU A 100 -4.16 3.49 -7.81
C LEU A 100 -4.64 4.48 -8.86
N THR A 101 -4.86 5.73 -8.44
CA THR A 101 -5.16 6.80 -9.38
C THR A 101 -4.31 8.02 -9.02
N TYR A 102 -3.74 8.66 -10.02
CA TYR A 102 -2.98 9.88 -9.80
C TYR A 102 -2.68 10.59 -11.12
N ASP A 103 -2.17 11.81 -11.01
CA ASP A 103 -1.78 12.59 -12.17
C ASP A 103 -0.26 12.65 -12.25
N HIS A 104 0.27 12.46 -13.45
CA HIS A 104 1.70 12.40 -13.66
C HIS A 104 2.01 12.78 -15.11
N PHE A 105 2.84 13.79 -15.29
CA PHE A 105 3.12 14.33 -16.61
C PHE A 105 1.83 14.77 -17.30
N HIS A 106 0.92 15.34 -16.52
CA HIS A 106 -0.34 15.84 -17.04
C HIS A 106 -1.18 14.75 -17.71
N GLN A 107 -1.00 13.52 -17.26
CA GLN A 107 -1.83 12.41 -17.72
C GLN A 107 -2.49 11.74 -16.53
N SER A 108 -3.72 11.28 -16.72
CA SER A 108 -4.44 10.59 -15.66
C SER A 108 -4.04 9.12 -15.64
N VAL A 109 -3.45 8.69 -14.52
CA VAL A 109 -3.02 7.31 -14.39
C VAL A 109 -4.03 6.52 -13.60
N GLN A 110 -4.35 5.33 -14.10
CA GLN A 110 -5.26 4.45 -13.39
C GLN A 110 -4.80 3.00 -13.51
N GLU A 111 -4.47 2.41 -12.37
CA GLU A 111 -3.91 1.06 -12.32
C GLU A 111 -4.62 0.23 -11.27
N ILE A 112 -4.92 -1.03 -11.62
CA ILE A 112 -5.53 -1.96 -10.68
C ILE A 112 -4.81 -3.30 -10.78
N PHE A 113 -4.53 -3.91 -9.64
CA PHE A 113 -3.80 -5.17 -9.62
C PHE A 113 -3.88 -5.84 -8.26
N GLU A 114 -3.92 -7.16 -8.25
CA GLU A 114 -3.81 -7.90 -7.00
C GLU A 114 -2.35 -8.13 -6.69
N VAL A 115 -1.99 -7.96 -5.42
CA VAL A 115 -0.63 -8.16 -4.99
C VAL A 115 -0.35 -9.65 -4.86
N ASN A 116 0.62 -10.12 -5.64
CA ASN A 116 1.06 -11.49 -5.56
C ASN A 116 2.20 -11.51 -4.55
N ASN A 117 2.55 -12.70 -4.09
CA ASN A 117 3.73 -12.92 -3.27
C ASN A 117 3.63 -12.30 -1.87
N LEU A 118 2.41 -12.13 -1.37
CA LEU A 118 2.22 -11.69 0.01
C LEU A 118 2.74 -12.76 0.96
N PRO A 119 3.65 -12.38 1.87
CA PRO A 119 4.27 -13.35 2.78
C PRO A 119 3.24 -13.99 3.70
N VAL A 120 3.28 -15.32 3.81
CA VAL A 120 2.38 -16.03 4.70
C VAL A 120 2.45 -15.45 6.10
N GLU A 121 3.63 -14.94 6.46
CA GLU A 121 3.85 -14.38 7.78
C GLU A 121 2.93 -13.19 8.10
N SER A 122 2.32 -12.61 7.07
CA SER A 122 1.47 -11.44 7.27
C SER A 122 0.06 -11.82 7.73
N TRP A 123 -0.27 -13.11 7.69
CA TRP A 123 -1.59 -13.57 8.12
C TRP A 123 -1.59 -14.86 8.96
N GLN A 124 -0.48 -15.59 8.98
CA GLN A 124 -0.43 -16.86 9.68
C GLN A 124 -0.38 -16.67 11.19
#